data_1D7S
#
_entry.id   1D7S
#
_cell.length_a   152.880
_cell.length_b   152.880
_cell.length_c   86.360
_cell.angle_alpha   90.00
_cell.angle_beta   90.00
_cell.angle_gamma   120.00
#
_symmetry.space_group_name_H-M   'P 64 2 2'
#
loop_
_entity.id
_entity.type
_entity.pdbx_description
1 polymer 'PROTEIN (2,2-DIALKYLGLYCINE DECARBOXYLASE (PYRUVATE))'
2 non-polymer 'SODIUM ION'
3 non-polymer 'POTASSIUM ION'
4 non-polymer D-[3-HYDROXY-2-METHYL-5-PHOSPHONOOXYMETHYL-PYRIDIN-4-YLMETHYL]-N,O-CYCLOSERYLAMIDE
5 water water
#
_entity_poly.entity_id   1
_entity_poly.type   'polypeptide(L)'
_entity_poly.pdbx_seq_one_letter_code
;MSLNDDATFWRNARQHLVRYGGTFEPMIIERAKGSFVYDADGRAILDFTSGQMSAVLGHCHPEIVSVIGEYAGKLDHLFS
GMLSRPVVDLATRLANITPPGLDRALLLSTGAESNEAAIRMAKLVTGKYEIVGFAQSWHGMTGAAASATYSAGRKGVGPA
AVGSFAIPAPFTYRPRFERNGAYDYLAELDYAFDLIDRQSSGNLAAFIAEPILSSGGIIELPDGYMAALKRKCEARGMLL
ILDEAQTGVGRTGTMFACQRDGVTPDILTLSKTLGAGLPLAAIVTSAAIEERAHELGYLFYTTHVSDPLPAAVGLRVLDV
VQRDGLVARANVMGDRLRRGLLDLMERFDCIGDVRGRGLLLGVEIVKDRRTKEPADGLGAKITRECMNLGLSMNIVQLPG
MGGVFRIAPPLTVSEDEIDLGLSLLGQAIERAL
;
_entity_poly.pdbx_strand_id   A
#
# COMPACT_ATOMS: atom_id res chain seq x y z
N LEU A 3 -24.37 22.34 7.75
CA LEU A 3 -24.10 21.90 6.39
C LEU A 3 -22.64 22.00 5.94
N ASN A 4 -22.41 21.30 4.85
CA ASN A 4 -21.12 21.20 4.24
C ASN A 4 -20.85 22.43 3.46
N ASP A 5 -21.72 23.40 3.58
CA ASP A 5 -21.55 24.57 2.78
C ASP A 5 -21.01 25.85 3.42
N ASP A 6 -20.43 25.74 4.61
CA ASP A 6 -19.86 26.91 5.28
C ASP A 6 -19.00 27.64 4.26
N ALA A 7 -19.50 28.78 3.81
CA ALA A 7 -18.81 29.55 2.77
C ALA A 7 -17.50 30.13 3.30
N THR A 8 -17.40 30.30 4.60
CA THR A 8 -16.13 30.78 5.19
C THR A 8 -15.12 29.66 4.99
N PHE A 9 -15.56 28.44 5.25
CA PHE A 9 -14.73 27.26 5.11
C PHE A 9 -14.24 27.12 3.69
N TRP A 10 -15.17 27.00 2.75
CA TRP A 10 -14.79 26.82 1.34
C TRP A 10 -14.00 27.97 0.73
N ARG A 11 -14.19 29.13 1.32
CA ARG A 11 -13.48 30.31 0.89
C ARG A 11 -12.03 30.19 1.35
N ASN A 12 -11.86 29.84 2.63
CA ASN A 12 -10.52 29.68 3.15
C ASN A 12 -9.79 28.54 2.48
N ALA A 13 -10.52 27.48 2.14
CA ALA A 13 -9.90 26.35 1.46
C ALA A 13 -9.35 26.81 0.14
N ARG A 14 -10.16 27.54 -0.60
CA ARG A 14 -9.74 28.00 -1.90
C ARG A 14 -8.59 28.98 -1.85
N GLN A 15 -8.59 29.86 -0.85
CA GLN A 15 -7.55 30.87 -0.75
C GLN A 15 -6.23 30.41 -0.16
N HIS A 16 -6.29 29.46 0.76
CA HIS A 16 -5.09 29.09 1.47
C HIS A 16 -4.57 27.67 1.37
N LEU A 17 -5.12 26.84 0.48
CA LEU A 17 -4.62 25.48 0.35
C LEU A 17 -3.91 25.25 -0.95
N VAL A 18 -2.79 24.54 -0.88
CA VAL A 18 -2.06 24.17 -2.07
C VAL A 18 -2.79 22.92 -2.57
N ARG A 19 -3.08 22.86 -3.88
CA ARG A 19 -3.73 21.68 -4.46
C ARG A 19 -2.62 20.69 -4.82
N TYR A 20 -2.80 19.42 -4.45
CA TYR A 20 -1.71 18.44 -4.62
C TYR A 20 -2.07 17.15 -5.32
N GLY A 21 -3.15 17.17 -6.05
CA GLY A 21 -3.57 15.97 -6.75
C GLY A 21 -5.03 15.72 -6.49
N GLY A 22 -5.77 15.52 -7.57
CA GLY A 22 -7.18 15.26 -7.48
C GLY A 22 -8.00 16.51 -7.23
N THR A 23 -9.15 16.27 -6.64
CA THR A 23 -10.10 17.31 -6.31
C THR A 23 -10.51 17.07 -4.87
N PHE A 24 -10.93 18.12 -4.18
CA PHE A 24 -11.34 17.94 -2.82
C PHE A 24 -12.79 17.51 -2.78
N GLU A 25 -13.12 16.53 -1.93
CA GLU A 25 -14.51 16.09 -1.78
C GLU A 25 -15.30 17.27 -1.24
N PRO A 26 -16.47 17.47 -1.79
CA PRO A 26 -17.31 18.59 -1.43
C PRO A 26 -18.08 18.40 -0.14
N MET A 27 -17.38 18.08 0.92
CA MET A 27 -18.03 17.92 2.20
C MET A 27 -17.01 18.29 3.25
N ILE A 28 -17.48 18.49 4.48
CA ILE A 28 -16.58 18.83 5.56
C ILE A 28 -16.69 17.67 6.52
N ILE A 29 -15.61 16.94 6.71
CA ILE A 29 -15.62 15.81 7.62
C ILE A 29 -15.36 16.30 9.04
N GLU A 30 -16.34 16.07 9.91
CA GLU A 30 -16.31 16.51 11.29
C GLU A 30 -15.90 15.46 12.33
N ARG A 31 -16.28 14.22 12.10
CA ARG A 31 -15.94 13.19 13.05
C ARG A 31 -15.79 11.87 12.35
N ALA A 32 -15.13 10.92 12.99
CA ALA A 32 -14.90 9.61 12.42
C ALA A 32 -14.94 8.57 13.54
N LYS A 33 -15.50 7.40 13.25
CA LYS A 33 -15.55 6.34 14.25
C LYS A 33 -15.76 5.00 13.57
N GLY A 34 -14.92 4.01 13.89
CA GLY A 34 -15.07 2.70 13.25
C GLY A 34 -14.96 2.77 11.73
N SER A 35 -15.85 2.09 11.03
CA SER A 35 -15.83 2.04 9.57
C SER A 35 -16.50 3.24 8.91
N PHE A 36 -16.78 4.28 9.70
CA PHE A 36 -17.49 5.47 9.17
C PHE A 36 -16.85 6.82 9.43
N VAL A 37 -17.09 7.75 8.49
CA VAL A 37 -16.70 9.17 8.61
C VAL A 37 -18.02 9.94 8.54
N TYR A 38 -18.12 11.09 9.22
CA TYR A 38 -19.37 11.84 9.22
C TYR A 38 -19.21 13.25 8.73
N ASP A 39 -20.09 13.68 7.82
CA ASP A 39 -20.01 15.04 7.31
C ASP A 39 -20.60 16.06 8.28
N ALA A 40 -20.68 17.30 7.83
CA ALA A 40 -21.20 18.37 8.67
C ALA A 40 -22.67 18.24 8.94
N ASP A 41 -23.39 17.53 8.10
CA ASP A 41 -24.81 17.36 8.36
C ASP A 41 -25.01 16.12 9.21
N GLY A 42 -23.91 15.45 9.54
CA GLY A 42 -24.01 14.28 10.38
C GLY A 42 -24.22 12.98 9.61
N ARG A 43 -24.20 13.10 8.29
CA ARG A 43 -24.36 11.95 7.42
C ARG A 43 -23.14 11.05 7.57
N ALA A 44 -23.39 9.75 7.71
CA ALA A 44 -22.33 8.78 7.87
C ALA A 44 -21.93 8.20 6.54
N ILE A 45 -20.63 8.20 6.30
CA ILE A 45 -20.07 7.70 5.08
C ILE A 45 -19.23 6.48 5.45
N LEU A 46 -19.57 5.35 4.86
CA LEU A 46 -18.86 4.11 5.09
C LEU A 46 -17.46 4.18 4.40
N ASP A 47 -16.41 4.11 5.20
CA ASP A 47 -15.04 4.23 4.76
C ASP A 47 -14.44 2.94 4.21
N PHE A 48 -14.74 2.64 2.95
CA PHE A 48 -14.24 1.41 2.31
C PHE A 48 -12.79 1.45 1.86
N THR A 49 -12.06 2.49 2.25
CA THR A 49 -10.65 2.62 1.90
C THR A 49 -9.81 2.85 3.15
N SER A 50 -10.43 2.73 4.33
CA SER A 50 -9.69 2.93 5.58
C SER A 50 -8.89 4.21 5.54
N GLY A 51 -9.54 5.27 5.07
CA GLY A 51 -8.91 6.58 4.93
C GLY A 51 -8.03 6.49 3.69
N GLN A 52 -6.74 6.79 3.86
CA GLN A 52 -5.85 6.64 2.73
C GLN A 52 -5.18 5.28 2.89
N MET A 53 -6.05 4.25 2.96
CA MET A 53 -5.68 2.85 3.15
C MET A 53 -4.81 2.57 4.36
N SER A 54 -5.08 3.26 5.47
CA SER A 54 -4.26 3.07 6.66
C SER A 54 -4.98 2.64 7.94
N ALA A 55 -6.15 3.20 8.21
CA ALA A 55 -6.89 2.91 9.44
C ALA A 55 -7.28 1.45 9.58
N VAL A 56 -6.29 0.60 9.83
CA VAL A 56 -6.51 -0.84 9.95
C VAL A 56 -7.49 -1.23 11.04
N LEU A 57 -7.52 -0.46 12.12
CA LEU A 57 -8.44 -0.71 13.22
C LEU A 57 -9.63 0.25 13.16
N GLY A 58 -9.89 0.80 11.98
CA GLY A 58 -10.99 1.77 11.81
C GLY A 58 -10.61 3.07 12.49
N HIS A 59 -11.51 4.05 12.45
CA HIS A 59 -11.21 5.33 13.06
C HIS A 59 -11.45 5.38 14.55
N CYS A 60 -10.57 6.10 15.24
CA CYS A 60 -10.66 6.34 16.67
C CYS A 60 -10.87 5.12 17.52
N HIS A 61 -10.00 4.14 17.33
CA HIS A 61 -10.03 2.90 18.09
C HIS A 61 -9.64 3.17 19.53
N PRO A 62 -10.60 2.95 20.39
CA PRO A 62 -10.44 3.14 21.82
C PRO A 62 -9.09 2.75 22.36
N GLU A 63 -8.55 1.62 21.90
CA GLU A 63 -7.24 1.18 22.40
C GLU A 63 -6.13 2.08 21.93
N ILE A 64 -6.32 2.57 20.72
CA ILE A 64 -5.39 3.47 20.13
C ILE A 64 -5.51 4.82 20.83
N VAL A 65 -6.75 5.27 21.04
CA VAL A 65 -7.02 6.53 21.73
C VAL A 65 -6.30 6.55 23.09
N SER A 66 -6.34 5.42 23.77
CA SER A 66 -5.72 5.26 25.09
C SER A 66 -4.19 5.31 25.10
N VAL A 67 -3.52 4.56 24.24
CA VAL A 67 -2.09 4.62 24.28
C VAL A 67 -1.58 6.00 23.89
N ILE A 68 -2.32 6.65 22.99
CA ILE A 68 -1.95 8.00 22.54
C ILE A 68 -2.07 8.98 23.68
N GLY A 69 -3.10 8.80 24.50
CA GLY A 69 -3.26 9.65 25.67
C GLY A 69 -2.05 9.34 26.56
N GLU A 70 -1.99 8.08 27.01
CA GLU A 70 -0.92 7.50 27.84
C GLU A 70 0.47 8.07 27.51
N TYR A 71 0.80 8.17 26.22
CA TYR A 71 2.12 8.67 25.88
C TYR A 71 2.26 10.17 25.67
N ALA A 72 1.19 10.80 25.20
CA ALA A 72 1.24 12.24 24.97
C ALA A 72 1.65 12.95 26.24
N GLY A 73 1.09 12.48 27.34
CA GLY A 73 1.38 13.06 28.62
C GLY A 73 2.61 12.48 29.34
N LYS A 74 3.28 11.46 28.79
CA LYS A 74 4.40 10.87 29.58
C LYS A 74 5.77 10.80 28.86
N LEU A 75 5.79 10.49 27.58
CA LEU A 75 7.07 10.35 26.79
C LEU A 75 6.68 10.65 25.36
N ASP A 76 7.06 11.81 24.86
CA ASP A 76 6.63 12.22 23.54
C ASP A 76 7.61 12.16 22.40
N HIS A 77 8.63 13.01 22.46
CA HIS A 77 9.62 13.11 21.40
C HIS A 77 10.99 13.26 22.04
N LEU A 78 12.02 12.68 21.45
CA LEU A 78 13.35 12.77 22.03
C LEU A 78 14.46 12.99 21.04
N PHE A 79 15.60 13.39 21.57
CA PHE A 79 16.81 13.54 20.83
C PHE A 79 16.98 12.15 20.22
N SER A 80 17.33 12.09 18.94
CA SER A 80 17.44 10.83 18.21
C SER A 80 18.48 9.81 18.67
N GLY A 81 19.32 10.20 19.64
CA GLY A 81 20.33 9.31 20.21
C GLY A 81 19.83 8.67 21.49
N MET A 82 18.64 9.09 21.91
CA MET A 82 18.07 8.57 23.14
C MET A 82 17.05 7.48 22.93
N LEU A 83 17.31 6.31 23.49
CA LEU A 83 16.38 5.21 23.40
C LEU A 83 15.40 5.19 24.54
N SER A 84 14.29 4.52 24.29
CA SER A 84 13.21 4.38 25.24
C SER A 84 12.54 3.03 25.02
N ARG A 85 11.70 2.62 25.96
CA ARG A 85 11.01 1.34 25.89
C ARG A 85 10.12 1.03 24.67
N PRO A 86 9.21 1.94 24.28
CA PRO A 86 8.37 1.63 23.13
C PRO A 86 9.17 1.29 21.86
N VAL A 87 10.25 2.03 21.63
CA VAL A 87 11.09 1.83 20.46
C VAL A 87 11.72 0.43 20.48
N VAL A 88 12.35 0.09 21.60
CA VAL A 88 12.97 -1.22 21.70
C VAL A 88 11.92 -2.32 21.66
N ASP A 89 10.77 -2.09 22.30
CA ASP A 89 9.71 -3.09 22.27
C ASP A 89 9.15 -3.32 20.88
N LEU A 90 8.88 -2.23 20.15
CA LEU A 90 8.36 -2.32 18.81
C LEU A 90 9.38 -2.99 17.86
N ALA A 91 10.64 -2.61 18.00
CA ALA A 91 11.68 -3.22 17.17
C ALA A 91 11.74 -4.72 17.44
N THR A 92 11.73 -5.09 18.72
CA THR A 92 11.76 -6.48 19.12
C THR A 92 10.53 -7.23 18.57
N ARG A 93 9.36 -6.64 18.75
CA ARG A 93 8.15 -7.26 18.26
C ARG A 93 8.25 -7.50 16.74
N LEU A 94 8.68 -6.48 16.01
CA LEU A 94 8.79 -6.61 14.58
C LEU A 94 9.69 -7.77 14.17
N ALA A 95 10.77 -7.99 14.93
CA ALA A 95 11.69 -9.08 14.62
C ALA A 95 11.01 -10.44 14.84
N ASN A 96 10.22 -10.50 15.90
CA ASN A 96 9.52 -11.72 16.28
C ASN A 96 8.39 -12.14 15.39
N ILE A 97 7.74 -11.19 14.72
CA ILE A 97 6.63 -11.60 13.88
C ILE A 97 6.91 -11.65 12.40
N THR A 98 8.07 -11.18 11.96
CA THR A 98 8.39 -11.26 10.54
C THR A 98 9.19 -12.56 10.39
N PRO A 99 9.30 -13.08 9.17
CA PRO A 99 10.03 -14.31 8.99
C PRO A 99 11.49 -14.28 9.44
N PRO A 100 12.05 -15.47 9.52
CA PRO A 100 13.43 -15.63 9.91
C PRO A 100 14.23 -14.97 8.81
N GLY A 101 15.24 -14.20 9.19
CA GLY A 101 16.06 -13.49 8.23
C GLY A 101 15.84 -11.98 8.31
N LEU A 102 14.80 -11.59 9.04
CA LEU A 102 14.47 -10.18 9.26
C LEU A 102 14.66 -9.99 10.77
N ASP A 103 15.70 -9.26 11.16
CA ASP A 103 16.06 -9.14 12.58
C ASP A 103 16.08 -7.77 13.21
N ARG A 104 16.46 -6.78 12.42
CA ARG A 104 16.65 -5.45 12.94
C ARG A 104 15.80 -4.41 12.24
N ALA A 105 15.18 -3.53 13.04
CA ALA A 105 14.31 -2.50 12.52
C ALA A 105 14.75 -1.07 12.75
N LEU A 106 14.29 -0.21 11.84
CA LEU A 106 14.52 1.23 11.87
C LEU A 106 13.11 1.85 11.84
N LEU A 107 12.77 2.64 12.86
CA LEU A 107 11.43 3.21 12.99
C LEU A 107 11.38 4.66 12.57
N LEU A 108 10.70 4.90 11.45
CA LEU A 108 10.60 6.22 10.82
C LEU A 108 9.16 6.76 10.81
N SER A 109 8.84 7.62 9.86
CA SER A 109 7.53 8.24 9.83
C SER A 109 6.64 8.01 8.65
N THR A 110 7.15 8.03 7.44
CA THR A 110 6.26 7.86 6.30
C THR A 110 6.70 6.74 5.38
N GLY A 111 5.80 6.31 4.50
CA GLY A 111 6.09 5.25 3.54
C GLY A 111 7.25 5.60 2.63
N ALA A 112 7.23 6.80 2.05
CA ALA A 112 8.32 7.22 1.15
C ALA A 112 9.66 7.16 1.85
N GLU A 113 9.69 7.63 3.09
CA GLU A 113 10.87 7.69 3.93
C GLU A 113 11.40 6.30 4.17
N SER A 114 10.48 5.39 4.47
CA SER A 114 10.84 4.01 4.70
C SER A 114 11.48 3.46 3.41
N ASN A 115 10.89 3.73 2.27
CA ASN A 115 11.50 3.24 1.04
C ASN A 115 12.85 3.87 0.78
N GLU A 116 12.97 5.17 1.08
CA GLU A 116 14.24 5.89 0.90
C GLU A 116 15.34 5.27 1.78
N ALA A 117 14.96 4.99 3.03
CA ALA A 117 15.92 4.44 3.96
C ALA A 117 16.43 3.10 3.48
N ALA A 118 15.53 2.32 2.90
CA ALA A 118 15.84 0.99 2.36
C ALA A 118 16.70 1.05 1.10
N ILE A 119 16.34 1.96 0.20
CA ILE A 119 17.11 2.10 -1.03
C ILE A 119 18.53 2.63 -0.70
N ARG A 120 18.61 3.53 0.26
CA ARG A 120 19.91 4.07 0.63
C ARG A 120 20.79 2.97 1.21
N MET A 121 20.21 2.12 2.06
CA MET A 121 20.97 1.01 2.66
C MET A 121 21.45 0.04 1.56
N ALA A 122 20.55 -0.28 0.63
CA ALA A 122 20.90 -1.19 -0.47
C ALA A 122 22.08 -0.67 -1.23
N LYS A 123 22.03 0.63 -1.56
CA LYS A 123 23.11 1.27 -2.30
C LYS A 123 24.43 1.23 -1.55
N LEU A 124 24.37 1.54 -0.25
CA LEU A 124 25.56 1.56 0.57
C LEU A 124 26.21 0.19 0.63
N VAL A 125 25.41 -0.79 1.00
CA VAL A 125 25.92 -2.10 1.18
C VAL A 125 26.41 -2.80 -0.08
N THR A 126 25.90 -2.38 -1.25
CA THR A 126 26.36 -2.99 -2.50
C THR A 126 27.42 -2.16 -3.21
N GLY A 127 27.54 -0.90 -2.84
CA GLY A 127 28.51 -0.07 -3.52
C GLY A 127 27.96 0.24 -4.90
N LYS A 128 26.69 -0.05 -5.12
CA LYS A 128 26.09 0.21 -6.42
C LYS A 128 24.93 1.20 -6.35
N TYR A 129 24.31 1.56 -7.49
CA TYR A 129 23.27 2.59 -7.48
C TYR A 129 22.03 2.38 -8.34
N GLU A 130 22.05 1.40 -9.25
CA GLU A 130 20.89 1.21 -10.12
C GLU A 130 19.75 0.48 -9.41
N ILE A 131 18.52 1.00 -9.56
CA ILE A 131 17.32 0.45 -8.89
C ILE A 131 16.27 0.03 -9.91
N VAL A 132 15.76 -1.19 -9.78
CA VAL A 132 14.74 -1.66 -10.71
C VAL A 132 13.42 -1.78 -9.98
N GLY A 133 12.35 -1.34 -10.64
CA GLY A 133 10.99 -1.39 -10.10
C GLY A 133 10.04 -1.84 -11.21
N PHE A 134 8.73 -1.90 -10.89
CA PHE A 134 7.66 -2.29 -11.84
C PHE A 134 7.10 -1.05 -12.51
N ALA A 135 6.81 -1.16 -13.80
CA ALA A 135 6.32 -0.03 -14.55
C ALA A 135 5.00 0.51 -14.07
N GLN A 136 4.39 -0.18 -13.12
CA GLN A 136 3.09 0.26 -12.60
C GLN A 136 3.17 0.52 -11.10
N SER A 137 4.38 0.64 -10.58
CA SER A 137 4.59 0.82 -9.14
C SER A 137 4.21 2.17 -8.53
N TRP A 138 4.24 2.21 -7.20
CA TRP A 138 4.02 3.41 -6.40
C TRP A 138 4.73 3.26 -5.08
N HIS A 139 5.81 4.01 -4.92
CA HIS A 139 6.57 3.95 -3.69
C HIS A 139 6.69 5.24 -2.91
N GLY A 140 6.19 6.34 -3.43
CA GLY A 140 6.27 7.62 -2.71
C GLY A 140 6.58 8.85 -3.56
N MET A 141 6.53 10.02 -2.93
CA MET A 141 6.75 11.28 -3.63
C MET A 141 8.13 11.89 -3.50
N THR A 142 8.94 11.38 -2.59
CA THR A 142 10.28 11.93 -2.39
C THR A 142 11.25 11.24 -3.41
N GLY A 143 12.30 11.98 -3.72
CA GLY A 143 13.40 11.65 -4.69
C GLY A 143 13.50 10.16 -5.15
N ALA A 144 14.23 9.37 -4.38
CA ALA A 144 14.48 7.95 -4.72
C ALA A 144 13.20 7.19 -4.86
N ALA A 145 12.28 7.44 -3.93
CA ALA A 145 11.01 6.76 -3.98
C ALA A 145 10.24 7.08 -5.25
N ALA A 146 10.25 8.36 -5.64
CA ALA A 146 9.55 8.77 -6.86
C ALA A 146 10.24 8.27 -8.12
N SER A 147 11.56 8.17 -8.04
CA SER A 147 12.35 7.69 -9.16
C SER A 147 12.02 6.23 -9.48
N ALA A 148 11.60 5.48 -8.45
CA ALA A 148 11.22 4.08 -8.57
C ALA A 148 9.69 3.91 -8.75
N THR A 149 9.00 5.03 -8.91
CA THR A 149 7.55 5.08 -9.06
C THR A 149 7.19 5.34 -10.53
N TYR A 150 6.60 4.36 -11.17
CA TYR A 150 6.29 4.50 -12.57
C TYR A 150 4.81 4.58 -12.92
N SER A 151 3.94 4.42 -11.93
CA SER A 151 2.52 4.50 -12.25
C SER A 151 2.10 5.92 -12.50
N ALA A 152 2.88 6.87 -12.03
CA ALA A 152 2.55 8.26 -12.26
C ALA A 152 3.64 9.17 -11.73
N GLY A 153 3.47 10.46 -11.99
CA GLY A 153 4.40 11.48 -11.53
C GLY A 153 5.79 11.62 -12.18
N ARG A 154 6.08 10.97 -13.31
CA ARG A 154 7.44 11.13 -13.88
C ARG A 154 7.68 12.32 -14.81
N LYS A 155 6.63 13.00 -15.27
CA LYS A 155 6.78 14.09 -16.22
C LYS A 155 6.86 15.48 -15.66
N GLY A 156 7.58 16.36 -16.37
CA GLY A 156 7.64 17.78 -16.01
C GLY A 156 8.38 18.21 -14.77
N VAL A 157 9.07 17.28 -14.11
CA VAL A 157 9.79 17.60 -12.88
C VAL A 157 11.30 17.30 -12.89
N GLY A 158 11.90 17.30 -14.09
CA GLY A 158 13.33 17.05 -14.27
C GLY A 158 13.69 15.56 -14.40
N PRO A 159 14.97 15.27 -14.70
CA PRO A 159 15.40 13.88 -14.83
C PRO A 159 15.15 13.09 -13.55
N ALA A 160 15.04 11.78 -13.68
CA ALA A 160 14.86 10.95 -12.50
C ALA A 160 16.24 10.62 -11.97
N ALA A 161 16.29 9.87 -10.88
CA ALA A 161 17.58 9.46 -10.36
C ALA A 161 18.31 8.65 -11.42
N VAL A 162 19.61 8.81 -11.46
CA VAL A 162 20.46 8.10 -12.40
C VAL A 162 20.38 6.59 -12.09
N GLY A 163 20.22 5.74 -13.09
CA GLY A 163 20.16 4.29 -12.85
C GLY A 163 18.77 3.74 -12.51
N SER A 164 17.75 4.41 -13.00
CA SER A 164 16.38 4.01 -12.80
C SER A 164 15.92 3.18 -13.98
N PHE A 165 15.39 1.99 -13.69
CA PHE A 165 14.85 1.05 -14.69
C PHE A 165 13.54 0.48 -14.17
N ALA A 166 12.67 0.12 -15.09
CA ALA A 166 11.41 -0.53 -14.74
C ALA A 166 11.26 -1.75 -15.62
N ILE A 167 10.56 -2.77 -15.16
CA ILE A 167 10.26 -3.93 -15.98
C ILE A 167 8.73 -4.04 -15.91
N PRO A 168 8.07 -4.68 -16.85
CA PRO A 168 6.61 -4.75 -16.75
C PRO A 168 6.24 -5.69 -15.63
N ALA A 169 5.11 -5.41 -14.99
CA ALA A 169 4.60 -6.25 -13.91
C ALA A 169 3.72 -7.32 -14.52
N PRO A 170 3.75 -8.51 -13.92
CA PRO A 170 2.94 -9.64 -14.40
C PRO A 170 1.46 -9.29 -14.20
N PHE A 171 0.69 -9.27 -15.27
CA PHE A 171 -0.70 -8.90 -15.14
C PHE A 171 -1.57 -9.86 -15.91
N THR A 172 -2.06 -10.83 -15.18
CA THR A 172 -2.88 -11.88 -15.72
C THR A 172 -4.16 -11.42 -16.42
N TYR A 173 -4.82 -10.38 -15.92
CA TYR A 173 -6.04 -9.91 -16.56
C TYR A 173 -5.80 -9.47 -17.98
N ARG A 174 -4.71 -8.75 -18.22
CA ARG A 174 -4.38 -8.29 -19.57
C ARG A 174 -2.94 -8.69 -19.92
N PRO A 175 -2.76 -9.94 -20.31
CA PRO A 175 -1.44 -10.51 -20.65
C PRO A 175 -0.87 -10.04 -21.97
N ARG A 176 0.45 -9.93 -22.03
CA ARG A 176 1.09 -9.49 -23.26
C ARG A 176 2.31 -10.25 -23.68
N PHE A 177 2.61 -11.32 -22.99
CA PHE A 177 3.76 -12.07 -23.34
C PHE A 177 3.37 -13.52 -23.43
N GLU A 178 3.30 -14.06 -24.64
CA GLU A 178 2.92 -15.45 -24.76
C GLU A 178 3.99 -16.37 -25.20
N ARG A 179 3.87 -17.58 -24.72
CA ARG A 179 4.76 -18.61 -25.10
C ARG A 179 3.90 -19.81 -25.31
N ASN A 180 3.99 -20.34 -26.52
CA ASN A 180 3.20 -21.49 -26.90
C ASN A 180 1.77 -21.23 -26.56
N GLY A 181 1.19 -20.25 -27.22
CA GLY A 181 -0.19 -19.91 -26.98
C GLY A 181 -0.45 -19.92 -25.50
N ALA A 182 0.45 -19.29 -24.75
CA ALA A 182 0.29 -19.22 -23.31
C ALA A 182 0.97 -18.01 -22.74
N TYR A 183 0.30 -17.38 -21.78
CA TYR A 183 0.85 -16.21 -21.10
C TYR A 183 1.86 -16.72 -20.12
N ASP A 184 3.11 -16.67 -20.52
CA ASP A 184 4.19 -17.15 -19.69
C ASP A 184 4.86 -15.98 -18.97
N TYR A 185 4.35 -15.67 -17.79
CA TYR A 185 4.88 -14.55 -17.01
C TYR A 185 6.29 -14.75 -16.46
N LEU A 186 6.78 -15.98 -16.43
CA LEU A 186 8.13 -16.25 -15.95
C LEU A 186 9.07 -15.99 -17.14
N ALA A 187 8.60 -16.32 -18.33
CA ALA A 187 9.39 -16.09 -19.52
C ALA A 187 9.46 -14.59 -19.75
N GLU A 188 8.38 -13.88 -19.40
CA GLU A 188 8.33 -12.43 -19.55
C GLU A 188 9.41 -11.83 -18.63
N LEU A 189 9.46 -12.38 -17.42
CA LEU A 189 10.41 -11.96 -16.43
C LEU A 189 11.82 -12.17 -16.94
N ASP A 190 12.05 -13.31 -17.56
CA ASP A 190 13.36 -13.60 -18.11
C ASP A 190 13.72 -12.59 -19.19
N TYR A 191 12.77 -12.33 -20.07
CA TYR A 191 12.95 -11.40 -21.17
C TYR A 191 13.23 -9.98 -20.64
N ALA A 192 12.46 -9.53 -19.66
CA ALA A 192 12.64 -8.21 -19.05
C ALA A 192 14.06 -8.06 -18.54
N PHE A 193 14.50 -9.04 -17.76
CA PHE A 193 15.84 -9.02 -17.19
C PHE A 193 16.99 -9.01 -18.17
N ASP A 194 16.80 -9.70 -19.29
CA ASP A 194 17.83 -9.69 -20.28
C ASP A 194 18.07 -8.26 -20.76
N LEU A 195 16.99 -7.52 -20.92
CA LEU A 195 17.11 -6.15 -21.40
C LEU A 195 17.86 -5.28 -20.37
N ILE A 196 17.51 -5.46 -19.10
CA ILE A 196 18.13 -4.72 -18.02
C ILE A 196 19.62 -4.98 -18.06
N ASP A 197 19.95 -6.25 -18.14
CA ASP A 197 21.32 -6.67 -18.14
C ASP A 197 22.07 -5.97 -19.25
N ARG A 198 21.42 -5.82 -20.38
CA ARG A 198 22.10 -5.16 -21.48
C ARG A 198 22.24 -3.65 -21.27
N GLN A 199 21.33 -3.07 -20.49
CA GLN A 199 21.44 -1.65 -20.25
C GLN A 199 22.33 -1.29 -19.07
N SER A 200 22.24 -2.08 -18.02
CA SER A 200 23.01 -1.80 -16.84
C SER A 200 24.46 -1.40 -17.10
N SER A 201 24.99 -0.53 -16.23
CA SER A 201 26.37 -0.08 -16.29
C SER A 201 27.18 -1.01 -15.39
N GLY A 202 26.54 -2.07 -14.94
CA GLY A 202 27.18 -3.01 -14.03
C GLY A 202 27.03 -2.56 -12.57
N ASN A 203 25.96 -1.82 -12.28
CA ASN A 203 25.73 -1.30 -10.93
C ASN A 203 24.37 -1.58 -10.38
N LEU A 204 23.84 -2.78 -10.63
CA LEU A 204 22.51 -3.13 -10.13
C LEU A 204 22.56 -3.30 -8.65
N ALA A 205 21.80 -2.48 -7.94
CA ALA A 205 21.81 -2.52 -6.49
C ALA A 205 20.64 -3.24 -5.87
N ALA A 206 19.43 -2.98 -6.36
CA ALA A 206 18.24 -3.60 -5.77
C ALA A 206 17.07 -3.56 -6.69
N PHE A 207 16.09 -4.39 -6.36
CA PHE A 207 14.82 -4.42 -7.05
C PHE A 207 13.85 -4.05 -5.99
N ILE A 208 12.96 -3.12 -6.27
CA ILE A 208 11.98 -2.78 -5.26
C ILE A 208 10.59 -3.17 -5.77
N ALA A 209 9.79 -3.83 -4.94
CA ALA A 209 8.48 -4.27 -5.40
C ALA A 209 7.38 -4.26 -4.35
N GLU A 210 6.15 -4.06 -4.80
CA GLU A 210 5.00 -4.21 -3.92
C GLU A 210 4.50 -5.69 -4.23
N PRO A 211 4.10 -6.46 -3.22
CA PRO A 211 3.61 -7.82 -3.43
C PRO A 211 2.28 -7.77 -4.18
N ILE A 212 1.51 -6.73 -3.90
CA ILE A 212 0.27 -6.49 -4.62
C ILE A 212 0.33 -4.99 -5.00
N LEU A 213 0.41 -4.71 -6.29
CA LEU A 213 0.51 -3.33 -6.78
C LEU A 213 -0.81 -2.64 -6.51
N SER A 214 -0.85 -1.79 -5.51
CA SER A 214 -2.11 -1.15 -5.21
C SER A 214 -2.49 0.01 -6.15
N SER A 215 -1.65 1.03 -6.23
CA SER A 215 -1.92 2.16 -7.10
C SER A 215 -1.92 1.73 -8.57
N GLY A 216 -1.17 0.67 -8.84
CA GLY A 216 -1.07 0.11 -10.18
C GLY A 216 -2.32 -0.60 -10.65
N GLY A 217 -3.31 -0.78 -9.76
CA GLY A 217 -4.58 -1.42 -10.11
C GLY A 217 -4.83 -2.78 -9.48
N ILE A 218 -4.41 -2.98 -8.23
CA ILE A 218 -4.58 -4.28 -7.53
C ILE A 218 -4.08 -5.43 -8.39
N ILE A 219 -2.80 -5.42 -8.64
CA ILE A 219 -2.17 -6.45 -9.43
C ILE A 219 -1.36 -7.34 -8.53
N GLU A 220 -1.81 -8.57 -8.36
CA GLU A 220 -1.16 -9.54 -7.50
C GLU A 220 -0.11 -10.29 -8.29
N LEU A 221 1.08 -10.42 -7.73
CA LEU A 221 2.13 -11.17 -8.43
C LEU A 221 1.69 -12.63 -8.40
N PRO A 222 1.56 -13.24 -9.57
CA PRO A 222 1.07 -14.61 -9.69
C PRO A 222 1.96 -15.71 -9.11
N ASP A 223 1.44 -16.93 -9.04
CA ASP A 223 2.15 -18.07 -8.48
C ASP A 223 3.55 -18.26 -8.98
N GLY A 224 4.50 -18.29 -8.04
CA GLY A 224 5.91 -18.54 -8.33
C GLY A 224 6.71 -17.37 -8.88
N TYR A 225 6.06 -16.22 -9.07
CA TYR A 225 6.75 -15.07 -9.60
C TYR A 225 7.82 -14.57 -8.66
N MET A 226 7.41 -14.34 -7.42
CA MET A 226 8.31 -13.78 -6.44
C MET A 226 9.53 -14.61 -6.21
N ALA A 227 9.35 -15.90 -6.13
CA ALA A 227 10.47 -16.78 -5.90
C ALA A 227 11.39 -16.60 -7.08
N ALA A 228 10.81 -16.52 -8.27
CA ALA A 228 11.60 -16.32 -9.46
C ALA A 228 12.37 -14.96 -9.41
N LEU A 229 11.70 -13.89 -8.99
CA LEU A 229 12.32 -12.57 -8.93
C LEU A 229 13.53 -12.55 -8.00
N LYS A 230 13.31 -13.10 -6.81
CA LYS A 230 14.34 -13.16 -5.81
C LYS A 230 15.58 -13.89 -6.36
N ARG A 231 15.37 -14.85 -7.26
CA ARG A 231 16.50 -15.57 -7.85
C ARG A 231 17.25 -14.71 -8.85
N LYS A 232 16.51 -13.89 -9.59
CA LYS A 232 17.11 -12.98 -10.55
C LYS A 232 18.02 -12.00 -9.80
N CYS A 233 17.54 -11.59 -8.64
CA CYS A 233 18.28 -10.67 -7.80
C CYS A 233 19.54 -11.32 -7.25
N GLU A 234 19.37 -12.48 -6.65
CA GLU A 234 20.50 -13.20 -6.05
C GLU A 234 21.60 -13.43 -7.05
N ALA A 235 21.22 -13.81 -8.25
CA ALA A 235 22.18 -14.06 -9.28
C ALA A 235 22.93 -12.79 -9.66
N ARG A 236 22.32 -11.64 -9.47
CA ARG A 236 22.97 -10.40 -9.85
C ARG A 236 23.63 -9.65 -8.71
N GLY A 237 23.55 -10.23 -7.52
CA GLY A 237 24.12 -9.59 -6.34
C GLY A 237 23.29 -8.37 -5.89
N MET A 238 21.99 -8.41 -6.17
CA MET A 238 21.06 -7.34 -5.87
C MET A 238 20.24 -7.66 -4.64
N LEU A 239 19.78 -6.64 -3.90
CA LEU A 239 18.92 -6.91 -2.77
C LEU A 239 17.49 -6.81 -3.26
N LEU A 240 16.59 -7.48 -2.59
CA LEU A 240 15.19 -7.41 -2.93
C LEU A 240 14.53 -6.64 -1.82
N ILE A 241 13.92 -5.52 -2.15
CA ILE A 241 13.24 -4.72 -1.17
C ILE A 241 11.75 -4.88 -1.39
N LEU A 242 11.05 -5.32 -0.37
CA LEU A 242 9.61 -5.51 -0.47
C LEU A 242 8.87 -4.38 0.24
N ASP A 243 8.08 -3.63 -0.52
CA ASP A 243 7.32 -2.50 0.03
C ASP A 243 5.95 -3.02 0.45
N GLU A 244 5.78 -3.27 1.74
CA GLU A 244 4.49 -3.75 2.19
C GLU A 244 3.65 -2.67 2.86
N ALA A 245 3.78 -1.43 2.38
CA ALA A 245 2.99 -0.32 2.94
C ALA A 245 1.48 -0.63 2.94
N GLN A 246 0.97 -1.21 1.87
CA GLN A 246 -0.45 -1.49 1.82
C GLN A 246 -0.82 -2.90 2.20
N THR A 247 0.10 -3.83 1.97
CA THR A 247 -0.14 -5.22 2.23
C THR A 247 0.22 -5.70 3.65
N GLY A 248 1.16 -5.05 4.30
CA GLY A 248 1.59 -5.50 5.62
C GLY A 248 0.57 -5.41 6.72
N VAL A 249 0.88 -6.03 7.85
CA VAL A 249 0.01 -6.00 9.02
C VAL A 249 -1.43 -6.55 8.82
N GLY A 250 -1.48 -7.75 8.24
CA GLY A 250 -2.69 -8.64 8.15
C GLY A 250 -3.72 -8.39 7.02
N ARG A 251 -3.57 -7.39 6.20
CA ARG A 251 -4.62 -7.04 5.20
C ARG A 251 -4.92 -8.07 4.12
N THR A 252 -3.89 -8.84 3.70
CA THR A 252 -4.02 -9.86 2.67
C THR A 252 -4.41 -11.19 3.25
N GLY A 253 -4.56 -11.25 4.57
CA GLY A 253 -4.91 -12.52 5.15
C GLY A 253 -3.72 -13.22 5.79
N THR A 254 -2.54 -12.63 5.67
CA THR A 254 -1.36 -13.15 6.34
C THR A 254 -0.79 -11.92 7.01
N MET A 255 0.05 -12.12 8.03
CA MET A 255 0.62 -10.96 8.71
C MET A 255 1.30 -10.09 7.67
N PHE A 256 2.11 -10.74 6.84
CA PHE A 256 2.81 -10.09 5.74
C PHE A 256 2.59 -10.87 4.48
N ALA A 257 2.39 -10.13 3.41
CA ALA A 257 2.16 -10.78 2.15
C ALA A 257 3.29 -11.73 1.82
N CYS A 258 4.52 -11.33 2.14
CA CYS A 258 5.66 -12.19 1.82
C CYS A 258 5.59 -13.60 2.43
N GLN A 259 4.79 -13.74 3.48
CA GLN A 259 4.61 -15.03 4.15
C GLN A 259 3.84 -16.00 3.29
N ARG A 260 2.90 -15.49 2.50
CA ARG A 260 2.09 -16.32 1.62
C ARG A 260 2.99 -17.11 0.65
N ASP A 261 3.91 -16.41 -0.01
CA ASP A 261 4.85 -17.03 -0.96
C ASP A 261 6.02 -17.71 -0.31
N GLY A 262 6.27 -17.41 0.95
CA GLY A 262 7.41 -18.01 1.59
C GLY A 262 8.72 -17.48 1.00
N VAL A 263 8.69 -16.27 0.43
CA VAL A 263 9.92 -15.68 -0.10
C VAL A 263 10.26 -14.49 0.82
N THR A 264 11.39 -14.56 1.52
CA THR A 264 11.73 -13.45 2.38
C THR A 264 12.70 -12.44 1.80
N PRO A 265 12.30 -11.18 1.78
CA PRO A 265 13.10 -10.14 1.19
C PRO A 265 14.29 -9.80 2.03
N ASP A 266 15.24 -9.08 1.44
CA ASP A 266 16.42 -8.61 2.16
C ASP A 266 16.06 -7.43 3.05
N ILE A 267 15.13 -6.63 2.55
CA ILE A 267 14.64 -5.48 3.30
C ILE A 267 13.14 -5.41 3.10
N LEU A 268 12.44 -5.26 4.20
CA LEU A 268 11.00 -5.16 4.19
C LEU A 268 10.65 -3.78 4.70
N THR A 269 9.75 -3.06 4.01
CA THR A 269 9.33 -1.75 4.48
C THR A 269 7.85 -1.77 4.78
N LEU A 270 7.47 -1.04 5.82
CA LEU A 270 6.09 -0.95 6.29
C LEU A 270 5.78 0.50 6.60
N SER A 271 4.49 0.84 6.58
CA SER A 271 4.14 2.21 6.89
C SER A 271 2.69 2.46 7.25
N LYS A 272 1.84 2.70 6.24
CA LYS A 272 0.42 3.02 6.42
C LYS A 272 -0.28 2.24 7.53
N THR A 273 -0.44 0.93 7.31
CA THR A 273 -1.11 0.05 8.25
C THR A 273 -0.45 0.00 9.64
N LEU A 274 0.87 0.05 9.67
CA LEU A 274 1.58 -0.04 10.92
C LEU A 274 1.23 1.05 11.90
N GLY A 275 1.02 2.25 11.38
CA GLY A 275 0.74 3.39 12.24
C GLY A 275 -0.73 3.57 12.49
N ALA A 276 -1.53 2.89 11.67
CA ALA A 276 -2.97 2.94 11.76
C ALA A 276 -3.52 4.38 11.79
N GLY A 277 -3.11 5.19 10.79
CA GLY A 277 -3.56 6.58 10.64
C GLY A 277 -2.55 7.65 11.05
N LEU A 278 -1.66 7.29 12.00
CA LEU A 278 -0.61 8.14 12.57
C LEU A 278 0.69 7.98 11.75
N PRO A 279 1.58 8.95 11.73
CA PRO A 279 2.77 8.73 10.93
C PRO A 279 3.82 7.87 11.62
N LEU A 280 3.88 6.61 11.22
CA LEU A 280 4.88 5.69 11.71
C LEU A 280 5.21 4.76 10.56
N ALA A 281 6.48 4.48 10.37
CA ALA A 281 6.90 3.58 9.30
C ALA A 281 8.14 2.82 9.76
N ALA A 282 8.59 1.86 8.96
CA ALA A 282 9.76 1.10 9.35
C ALA A 282 10.35 0.30 8.24
N ILE A 283 11.60 -0.06 8.45
CA ILE A 283 12.29 -0.97 7.57
C ILE A 283 12.81 -2.04 8.52
N VAL A 284 12.75 -3.28 8.07
CA VAL A 284 13.27 -4.41 8.81
C VAL A 284 14.24 -5.10 7.87
N THR A 285 15.46 -5.38 8.34
CA THR A 285 16.45 -6.08 7.53
C THR A 285 17.14 -7.19 8.33
N SER A 286 18.00 -7.96 7.68
CA SER A 286 18.69 -9.04 8.37
C SER A 286 19.85 -8.48 9.20
N ALA A 287 20.30 -9.24 10.19
CA ALA A 287 21.43 -8.82 11.00
C ALA A 287 22.71 -8.62 10.15
N ALA A 288 22.92 -9.49 9.17
CA ALA A 288 24.10 -9.37 8.32
C ALA A 288 24.11 -8.07 7.53
N ILE A 289 22.98 -7.73 6.93
CA ILE A 289 22.89 -6.48 6.17
C ILE A 289 23.07 -5.28 7.10
N GLU A 290 22.43 -5.29 8.26
CA GLU A 290 22.59 -4.17 9.19
C GLU A 290 24.04 -3.99 9.61
N GLU A 291 24.71 -5.09 9.96
CA GLU A 291 26.12 -5.01 10.40
C GLU A 291 27.02 -4.34 9.39
N ARG A 292 26.88 -4.75 8.12
CA ARG A 292 27.70 -4.21 7.04
C ARG A 292 27.39 -2.73 6.80
N ALA A 293 26.09 -2.40 6.80
CA ALA A 293 25.65 -1.00 6.62
C ALA A 293 26.30 -0.18 7.71
N HIS A 294 26.29 -0.75 8.90
CA HIS A 294 26.87 -0.09 10.02
C HIS A 294 28.38 0.12 9.83
N GLU A 295 29.11 -0.95 9.50
CA GLU A 295 30.55 -0.84 9.27
C GLU A 295 30.81 0.23 8.24
N LEU A 296 29.91 0.32 7.27
CA LEU A 296 30.05 1.25 6.16
C LEU A 296 29.59 2.67 6.51
N GLY A 297 29.14 2.86 7.74
CA GLY A 297 28.72 4.19 8.17
C GLY A 297 27.32 4.62 7.75
N TYR A 298 26.41 3.67 7.61
CA TYR A 298 25.04 4.03 7.24
C TYR A 298 24.47 5.18 8.09
N LEU A 299 23.79 6.10 7.42
CA LEU A 299 23.18 7.24 8.05
C LEU A 299 21.77 7.47 7.56
N PHE A 300 20.83 7.62 8.49
CA PHE A 300 19.43 7.96 8.19
C PHE A 300 18.90 8.61 9.46
N TYR A 301 19.46 9.76 9.78
CA TYR A 301 19.13 10.49 10.98
C TYR A 301 18.11 11.57 10.73
N THR A 302 16.91 11.37 11.25
CA THR A 302 15.84 12.32 11.08
C THR A 302 15.35 12.81 12.42
N THR A 303 14.39 13.73 12.39
CA THR A 303 13.81 14.32 13.58
C THR A 303 13.03 13.30 14.40
N HIS A 304 12.19 12.52 13.74
CA HIS A 304 11.34 11.60 14.47
C HIS A 304 11.74 10.16 14.49
N VAL A 305 12.92 9.84 14.02
CA VAL A 305 13.33 8.46 14.06
C VAL A 305 13.37 8.07 15.56
N SER A 306 12.87 6.88 15.89
CA SER A 306 12.92 6.43 17.28
C SER A 306 12.17 7.30 18.25
N ASP A 307 11.11 7.95 17.81
CA ASP A 307 10.33 8.76 18.74
C ASP A 307 9.37 7.81 19.47
N PRO A 308 9.29 7.95 20.78
CA PRO A 308 8.45 7.08 21.61
C PRO A 308 6.93 7.03 21.34
N LEU A 309 6.31 8.18 21.15
CA LEU A 309 4.87 8.15 20.94
C LEU A 309 4.39 7.28 19.79
N PRO A 310 4.87 7.55 18.57
CA PRO A 310 4.45 6.75 17.43
C PRO A 310 4.80 5.29 17.68
N ALA A 311 5.98 5.05 18.22
CA ALA A 311 6.41 3.68 18.50
C ALA A 311 5.42 3.02 19.44
N ALA A 312 4.95 3.75 20.44
CA ALA A 312 4.01 3.15 21.37
C ALA A 312 2.70 2.83 20.65
N VAL A 313 2.35 3.64 19.66
CA VAL A 313 1.12 3.41 18.90
C VAL A 313 1.23 2.15 18.06
N GLY A 314 2.38 2.00 17.40
CA GLY A 314 2.64 0.85 16.55
C GLY A 314 2.54 -0.44 17.34
N LEU A 315 3.15 -0.45 18.52
CA LEU A 315 3.13 -1.63 19.40
C LEU A 315 1.69 -2.03 19.71
N ARG A 316 0.86 -1.05 20.09
CA ARG A 316 -0.53 -1.33 20.41
C ARG A 316 -1.29 -1.93 19.25
N VAL A 317 -1.03 -1.39 18.07
CA VAL A 317 -1.69 -1.88 16.88
C VAL A 317 -1.33 -3.36 16.66
N LEU A 318 -0.06 -3.71 16.85
CA LEU A 318 0.36 -5.07 16.65
C LEU A 318 -0.37 -5.99 17.64
N ASP A 319 -0.45 -5.52 18.87
CA ASP A 319 -1.11 -6.24 19.93
C ASP A 319 -2.56 -6.52 19.59
N VAL A 320 -3.31 -5.49 19.25
CA VAL A 320 -4.69 -5.76 18.96
C VAL A 320 -4.92 -6.69 17.78
N VAL A 321 -4.12 -6.52 16.73
CA VAL A 321 -4.23 -7.36 15.56
C VAL A 321 -4.03 -8.81 15.95
N GLN A 322 -3.00 -9.05 16.75
CA GLN A 322 -2.72 -10.39 17.18
C GLN A 322 -3.79 -10.90 18.12
N ARG A 323 -4.05 -10.16 19.18
CA ARG A 323 -5.03 -10.61 20.12
C ARG A 323 -6.40 -10.87 19.53
N ASP A 324 -6.91 -9.93 18.75
CA ASP A 324 -8.23 -10.12 18.18
C ASP A 324 -8.24 -10.91 16.89
N GLY A 325 -7.16 -11.62 16.63
CA GLY A 325 -7.07 -12.43 15.43
C GLY A 325 -7.61 -11.69 14.22
N LEU A 326 -7.18 -10.43 14.03
CA LEU A 326 -7.65 -9.66 12.87
C LEU A 326 -7.10 -10.17 11.53
N VAL A 327 -6.01 -10.93 11.54
CA VAL A 327 -5.48 -11.48 10.29
C VAL A 327 -6.47 -12.52 9.73
N ALA A 328 -6.96 -13.40 10.61
CA ALA A 328 -7.89 -14.43 10.20
C ALA A 328 -9.15 -13.75 9.72
N ARG A 329 -9.57 -12.78 10.50
CA ARG A 329 -10.74 -12.00 10.17
C ARG A 329 -10.64 -11.43 8.77
N ALA A 330 -9.45 -11.00 8.38
CA ALA A 330 -9.27 -10.46 7.05
C ALA A 330 -9.68 -11.49 6.01
N ASN A 331 -9.43 -12.75 6.28
CA ASN A 331 -9.79 -13.79 5.32
C ASN A 331 -11.27 -14.06 5.29
N VAL A 332 -11.84 -14.08 6.47
CA VAL A 332 -13.24 -14.35 6.56
C VAL A 332 -14.07 -13.24 5.93
N MET A 333 -13.82 -12.00 6.32
CA MET A 333 -14.56 -10.90 5.73
C MET A 333 -14.21 -10.70 4.25
N GLY A 334 -12.96 -11.01 3.89
CA GLY A 334 -12.55 -10.86 2.52
C GLY A 334 -13.31 -11.82 1.66
N ASP A 335 -13.55 -13.00 2.22
CA ASP A 335 -14.27 -14.01 1.47
C ASP A 335 -15.68 -13.51 1.20
N ARG A 336 -16.28 -13.00 2.24
CA ARG A 336 -17.60 -12.47 2.16
C ARG A 336 -17.67 -11.33 1.16
N LEU A 337 -16.75 -10.38 1.27
CA LEU A 337 -16.72 -9.25 0.36
C LEU A 337 -16.52 -9.73 -1.09
N ARG A 338 -15.55 -10.64 -1.28
CA ARG A 338 -15.24 -11.17 -2.62
C ARG A 338 -16.42 -11.85 -3.29
N ARG A 339 -17.16 -12.63 -2.52
CA ARG A 339 -18.31 -13.33 -3.06
C ARG A 339 -19.38 -12.32 -3.50
N GLY A 340 -19.58 -11.28 -2.71
CA GLY A 340 -20.54 -10.23 -3.02
C GLY A 340 -20.16 -9.57 -4.32
N LEU A 341 -18.88 -9.26 -4.45
CA LEU A 341 -18.39 -8.65 -5.67
C LEU A 341 -18.64 -9.54 -6.88
N LEU A 342 -18.44 -10.84 -6.70
CA LEU A 342 -18.68 -11.76 -7.77
C LEU A 342 -20.17 -11.79 -8.13
N ASP A 343 -21.04 -11.62 -7.14
CA ASP A 343 -22.46 -11.62 -7.44
C ASP A 343 -22.80 -10.40 -8.29
N LEU A 344 -22.21 -9.25 -7.95
CA LEU A 344 -22.44 -8.03 -8.72
C LEU A 344 -21.98 -8.23 -10.16
N MET A 345 -20.85 -8.88 -10.31
CA MET A 345 -20.32 -9.11 -11.62
C MET A 345 -21.25 -9.99 -12.44
N GLU A 346 -22.12 -10.73 -11.75
CA GLU A 346 -23.08 -11.61 -12.39
C GLU A 346 -24.23 -10.76 -12.90
N ARG A 347 -24.57 -9.79 -12.06
CA ARG A 347 -25.63 -8.84 -12.32
C ARG A 347 -25.25 -7.82 -13.39
N PHE A 348 -24.00 -7.38 -13.38
CA PHE A 348 -23.52 -6.33 -14.30
C PHE A 348 -22.36 -6.65 -15.24
N ASP A 349 -22.57 -6.49 -16.54
CA ASP A 349 -21.53 -6.73 -17.53
C ASP A 349 -20.34 -5.80 -17.43
N CYS A 350 -20.55 -4.64 -16.79
CA CYS A 350 -19.50 -3.64 -16.67
C CYS A 350 -18.39 -4.02 -15.73
N ILE A 351 -18.62 -5.07 -14.94
CA ILE A 351 -17.61 -5.58 -14.04
C ILE A 351 -16.80 -6.62 -14.80
N GLY A 352 -15.55 -6.29 -15.08
CA GLY A 352 -14.70 -7.17 -15.86
C GLY A 352 -13.85 -8.13 -15.06
N ASP A 353 -13.50 -7.73 -13.83
CA ASP A 353 -12.64 -8.56 -13.00
C ASP A 353 -12.75 -8.17 -11.52
N VAL A 354 -12.53 -9.14 -10.65
CA VAL A 354 -12.52 -8.94 -9.22
C VAL A 354 -11.28 -9.66 -8.78
N ARG A 355 -10.31 -8.95 -8.25
CA ARG A 355 -9.09 -9.59 -7.86
C ARG A 355 -8.60 -9.05 -6.55
N GLY A 356 -7.46 -9.55 -6.11
CA GLY A 356 -6.94 -9.08 -4.86
C GLY A 356 -6.89 -10.21 -3.86
N ARG A 357 -6.67 -9.89 -2.61
CA ARG A 357 -6.53 -10.90 -1.58
C ARG A 357 -6.96 -10.37 -0.23
N GLY A 358 -7.58 -11.24 0.55
CA GLY A 358 -8.05 -10.84 1.86
C GLY A 358 -8.86 -9.57 1.72
N LEU A 359 -8.45 -8.53 2.46
CA LEU A 359 -9.14 -7.25 2.42
C LEU A 359 -8.48 -6.14 1.56
N LEU A 360 -7.82 -6.57 0.49
CA LEU A 360 -7.21 -5.67 -0.51
C LEU A 360 -7.74 -6.20 -1.82
N LEU A 361 -8.89 -5.67 -2.21
CA LEU A 361 -9.56 -6.11 -3.41
C LEU A 361 -9.67 -5.04 -4.45
N GLY A 362 -9.77 -5.47 -5.71
CA GLY A 362 -9.90 -4.55 -6.82
C GLY A 362 -11.03 -4.97 -7.77
N VAL A 363 -11.73 -3.99 -8.31
CA VAL A 363 -12.81 -4.26 -9.26
C VAL A 363 -12.55 -3.46 -10.54
N GLU A 364 -12.25 -4.14 -11.64
CA GLU A 364 -11.95 -3.44 -12.87
C GLU A 364 -13.18 -3.20 -13.73
N ILE A 365 -13.50 -1.93 -13.97
CA ILE A 365 -14.63 -1.52 -14.81
C ILE A 365 -14.24 -1.52 -16.30
N VAL A 366 -15.09 -2.14 -17.10
CA VAL A 366 -14.85 -2.33 -18.52
C VAL A 366 -16.10 -2.05 -19.38
N LYS A 367 -15.93 -1.66 -20.65
CA LYS A 367 -17.08 -1.36 -21.53
C LYS A 367 -17.63 -2.70 -22.03
N ASP A 368 -16.71 -3.52 -22.51
CA ASP A 368 -17.00 -4.84 -23.03
C ASP A 368 -16.17 -5.92 -22.34
N ARG A 369 -16.87 -6.84 -21.67
CA ARG A 369 -16.22 -7.95 -20.97
C ARG A 369 -15.56 -8.94 -21.91
N ARG A 370 -15.14 -8.48 -23.09
CA ARG A 370 -14.51 -9.35 -24.08
C ARG A 370 -13.39 -8.59 -24.72
N THR A 371 -13.74 -7.38 -25.11
CA THR A 371 -12.74 -6.46 -25.57
C THR A 371 -12.00 -6.06 -24.35
N LYS A 372 -12.71 -6.24 -23.25
CA LYS A 372 -12.22 -5.79 -21.98
C LYS A 372 -11.91 -4.33 -22.21
N GLU A 373 -12.67 -3.69 -23.09
CA GLU A 373 -12.43 -2.30 -23.36
C GLU A 373 -12.71 -1.47 -22.14
N PRO A 374 -11.74 -0.64 -21.80
CA PRO A 374 -11.84 0.23 -20.66
C PRO A 374 -13.07 1.10 -20.64
N ALA A 375 -13.69 1.18 -19.47
CA ALA A 375 -14.87 1.98 -19.28
C ALA A 375 -14.52 3.30 -18.67
N ASP A 376 -14.28 4.24 -19.59
CA ASP A 376 -13.95 5.60 -19.27
C ASP A 376 -15.25 6.21 -18.80
N GLY A 377 -15.16 7.14 -17.88
CA GLY A 377 -16.36 7.81 -17.41
C GLY A 377 -17.31 6.98 -16.58
N LEU A 378 -17.55 5.73 -16.94
CA LEU A 378 -18.47 4.93 -16.14
C LEU A 378 -17.95 4.84 -14.72
N GLY A 379 -16.65 4.52 -14.64
CA GLY A 379 -15.96 4.39 -13.37
C GLY A 379 -16.23 5.58 -12.48
N ALA A 380 -16.15 6.78 -13.07
CA ALA A 380 -16.36 8.01 -12.33
C ALA A 380 -17.78 8.32 -11.90
N LYS A 381 -18.82 7.92 -12.66
CA LYS A 381 -20.15 8.23 -12.16
C LYS A 381 -20.42 7.31 -11.01
N ILE A 382 -19.96 6.07 -11.18
CA ILE A 382 -20.16 5.05 -10.18
C ILE A 382 -19.60 5.54 -8.88
N THR A 383 -18.37 6.00 -8.95
CA THR A 383 -17.70 6.52 -7.78
C THR A 383 -18.54 7.65 -7.21
N ARG A 384 -19.10 8.45 -8.09
CA ARG A 384 -19.92 9.60 -7.71
C ARG A 384 -21.21 9.18 -7.03
N GLU A 385 -21.90 8.23 -7.63
CA GLU A 385 -23.14 7.78 -7.03
C GLU A 385 -22.84 7.10 -5.70
N CYS A 386 -21.71 6.39 -5.62
CA CYS A 386 -21.39 5.72 -4.36
C CYS A 386 -21.42 6.74 -3.28
N MET A 387 -20.70 7.82 -3.51
CA MET A 387 -20.64 8.86 -2.53
C MET A 387 -22.02 9.36 -2.09
N ASN A 388 -22.85 9.72 -3.05
CA ASN A 388 -24.19 10.19 -2.72
C ASN A 388 -24.89 9.13 -1.93
N LEU A 389 -24.70 7.90 -2.36
CA LEU A 389 -25.31 6.76 -1.70
C LEU A 389 -24.72 6.60 -0.31
N GLY A 390 -23.57 7.24 -0.05
CA GLY A 390 -22.94 7.20 1.27
C GLY A 390 -21.77 6.22 1.45
N LEU A 391 -21.09 5.91 0.35
CA LEU A 391 -19.96 4.99 0.36
C LEU A 391 -18.76 5.59 -0.34
N SER A 392 -17.69 5.72 0.42
CA SER A 392 -16.43 6.28 -0.07
C SER A 392 -15.62 5.21 -0.78
N MET A 393 -15.43 5.42 -2.08
CA MET A 393 -14.68 4.52 -2.93
C MET A 393 -13.50 5.26 -3.55
N ASN A 394 -12.62 4.54 -4.21
CA ASN A 394 -11.48 5.15 -4.84
C ASN A 394 -11.13 4.37 -6.09
N ILE A 395 -11.17 5.05 -7.23
CA ILE A 395 -10.86 4.41 -8.50
C ILE A 395 -9.49 4.90 -8.98
N VAL A 396 -8.67 4.00 -9.50
CA VAL A 396 -7.36 4.38 -10.03
C VAL A 396 -7.45 4.09 -11.51
N GLN A 397 -7.02 5.03 -12.34
CA GLN A 397 -7.13 4.80 -13.76
C GLN A 397 -5.77 4.86 -14.42
N LEU A 398 -5.29 3.72 -14.93
CA LEU A 398 -3.99 3.70 -15.59
C LEU A 398 -4.08 3.38 -17.08
N PRO A 399 -3.01 3.73 -17.82
CA PRO A 399 -2.95 3.52 -19.27
C PRO A 399 -3.26 2.09 -19.73
N GLY A 400 -4.12 1.97 -20.74
CA GLY A 400 -4.48 0.68 -21.33
C GLY A 400 -5.19 -0.31 -20.41
N MET A 401 -5.73 0.19 -19.30
CA MET A 401 -6.45 -0.65 -18.36
C MET A 401 -7.79 -0.04 -18.14
N GLY A 402 -8.72 -0.84 -17.60
CA GLY A 402 -10.03 -0.34 -17.26
C GLY A 402 -9.84 0.43 -15.95
N GLY A 403 -10.84 1.21 -15.53
CA GLY A 403 -10.74 1.96 -14.26
C GLY A 403 -10.88 0.97 -13.09
N VAL A 404 -10.07 1.13 -12.06
CA VAL A 404 -10.12 0.20 -10.94
C VAL A 404 -10.49 0.75 -9.58
N PHE A 405 -11.47 0.10 -8.94
CA PHE A 405 -11.88 0.45 -7.60
C PHE A 405 -10.98 -0.32 -6.67
N ARG A 406 -10.38 0.39 -5.74
CA ARG A 406 -9.50 -0.19 -4.75
C ARG A 406 -10.31 -0.28 -3.47
N ILE A 407 -10.64 -1.48 -3.09
CA ILE A 407 -11.45 -1.68 -1.91
C ILE A 407 -10.63 -2.23 -0.77
N ALA A 408 -10.64 -1.51 0.34
CA ALA A 408 -9.86 -1.93 1.47
C ALA A 408 -10.46 -1.44 2.77
N PRO A 409 -11.52 -2.10 3.24
CA PRO A 409 -12.13 -1.68 4.49
C PRO A 409 -11.29 -2.09 5.70
N PRO A 410 -11.65 -1.56 6.84
CA PRO A 410 -10.95 -1.84 8.09
C PRO A 410 -11.01 -3.33 8.42
N LEU A 411 -9.97 -3.86 9.08
CA LEU A 411 -9.91 -5.29 9.44
C LEU A 411 -10.99 -5.57 10.49
N THR A 412 -11.41 -4.51 11.15
CA THR A 412 -12.44 -4.56 12.17
C THR A 412 -13.81 -4.37 11.54
N VAL A 413 -13.88 -4.40 10.22
CA VAL A 413 -15.17 -4.22 9.59
C VAL A 413 -16.13 -5.36 9.97
N SER A 414 -17.42 -5.05 10.01
CA SER A 414 -18.48 -6.01 10.36
C SER A 414 -19.14 -6.64 9.15
N GLU A 415 -19.85 -7.75 9.37
CA GLU A 415 -20.53 -8.44 8.30
C GLU A 415 -21.60 -7.52 7.75
N ASP A 416 -22.23 -6.80 8.66
CA ASP A 416 -23.28 -5.87 8.30
C ASP A 416 -22.72 -4.73 7.46
N GLU A 417 -21.55 -4.26 7.85
CA GLU A 417 -20.94 -3.17 7.11
C GLU A 417 -20.58 -3.59 5.71
N ILE A 418 -20.04 -4.81 5.60
CA ILE A 418 -19.67 -5.37 4.31
C ILE A 418 -20.89 -5.42 3.42
N ASP A 419 -22.00 -5.82 4.01
CA ASP A 419 -23.25 -5.95 3.29
C ASP A 419 -23.80 -4.61 2.83
N LEU A 420 -23.71 -3.62 3.70
CA LEU A 420 -24.16 -2.26 3.38
C LEU A 420 -23.38 -1.76 2.17
N GLY A 421 -22.06 -1.94 2.23
CA GLY A 421 -21.19 -1.53 1.15
C GLY A 421 -21.59 -2.24 -0.13
N LEU A 422 -21.83 -3.55 -0.04
CA LEU A 422 -22.23 -4.30 -1.23
C LEU A 422 -23.52 -3.71 -1.76
N SER A 423 -24.41 -3.35 -0.83
CA SER A 423 -25.71 -2.79 -1.17
C SER A 423 -25.57 -1.50 -1.92
N LEU A 424 -24.92 -0.54 -1.25
CA LEU A 424 -24.70 0.77 -1.82
C LEU A 424 -24.01 0.68 -3.18
N LEU A 425 -23.02 -0.21 -3.31
CA LEU A 425 -22.29 -0.39 -4.57
C LEU A 425 -23.19 -0.85 -5.72
N GLY A 426 -24.08 -1.78 -5.43
CA GLY A 426 -24.99 -2.29 -6.45
C GLY A 426 -25.89 -1.17 -6.96
N GLN A 427 -26.42 -0.38 -6.01
CA GLN A 427 -27.31 0.74 -6.31
C GLN A 427 -26.64 1.84 -7.10
N ALA A 428 -25.37 2.04 -6.80
CA ALA A 428 -24.59 3.05 -7.47
C ALA A 428 -24.34 2.65 -8.93
N ILE A 429 -24.12 1.36 -9.16
CA ILE A 429 -23.87 0.90 -10.51
C ILE A 429 -25.10 1.01 -11.39
N GLU A 430 -26.26 0.65 -10.84
CA GLU A 430 -27.45 0.71 -11.66
C GLU A 430 -27.94 2.13 -11.89
N ARG A 431 -27.64 2.99 -10.93
CA ARG A 431 -27.98 4.39 -11.02
C ARG A 431 -27.05 5.08 -12.04
N ALA A 432 -25.83 4.56 -12.17
CA ALA A 432 -24.83 5.12 -13.07
C ALA A 432 -24.86 4.67 -14.54
N LEU A 433 -25.49 3.55 -14.85
CA LEU A 433 -25.53 3.10 -16.23
C LEU A 433 -26.62 3.78 -17.05
#